data_8JQU
#
_entry.id   8JQU
#
_cell.length_a   110.552
_cell.length_b   42.266
_cell.length_c   37.777
_cell.angle_alpha   90.000
_cell.angle_beta   103.387
_cell.angle_gamma   90.000
#
_symmetry.space_group_name_H-M   'C 1 2 1'
#
loop_
_entity.id
_entity.type
_entity.pdbx_description
1 polymer Rab5a
2 non-polymer 1,2-ETHANEDIOL
3 non-polymer 'PHOSPHOAMINOPHOSPHONIC ACID-GUANYLATE ESTER'
4 non-polymer 'MAGNESIUM ION'
5 water water
#
_entity_poly.entity_id   1
_entity_poly.type   'polypeptide(L)'
_entity_poly.pdbx_seq_one_letter_code
;MNTHPPQLMEATSAKIVMLGESGAGKSSIALRFTRNEFLANQETTIGAAFLSKTVMIDGRALKYEIWDTAGLERFRSLAP
IYYRGASGALVVYDITNSESLKKAQTWIKELRANADPSLIIVLVGNKKDLGSLRQVSFEDGQRLAAEEQLAAFYEASAKD
NNNVEQVFLDLAAKL
;
_entity_poly.pdbx_strand_id   A
#
# COMPACT_ATOMS: atom_id res chain seq x y z
N THR A 12 2.00 21.07 4.96
CA THR A 12 1.53 19.90 5.78
C THR A 12 1.99 18.59 5.13
N SER A 13 2.09 17.54 5.94
CA SER A 13 2.69 16.35 5.38
C SER A 13 1.84 15.11 5.68
N ALA A 14 1.88 14.14 4.75
CA ALA A 14 1.17 12.87 4.81
C ALA A 14 2.17 11.75 5.16
N LYS A 15 2.06 11.22 6.37
CA LYS A 15 2.86 10.12 6.86
C LYS A 15 2.14 8.78 6.58
N ILE A 16 2.69 8.02 5.63
N ILE A 16 2.70 8.03 5.63
CA ILE A 16 2.01 6.83 5.13
CA ILE A 16 2.06 6.83 5.08
C ILE A 16 2.94 5.63 5.35
C ILE A 16 2.97 5.63 5.37
N VAL A 17 2.37 4.47 5.68
CA VAL A 17 3.12 3.23 5.85
C VAL A 17 2.62 2.24 4.79
N MET A 18 3.56 1.56 4.13
CA MET A 18 3.22 0.51 3.19
C MET A 18 3.30 -0.82 3.93
N LEU A 19 2.25 -1.61 3.86
CA LEU A 19 2.21 -2.91 4.53
C LEU A 19 1.65 -3.96 3.57
N GLY A 20 2.10 -5.21 3.78
CA GLY A 20 1.51 -6.29 3.02
C GLY A 20 2.55 -7.39 2.76
N GLU A 21 2.06 -8.48 2.18
CA GLU A 21 2.90 -9.68 2.05
C GLU A 21 4.14 -9.35 1.20
N SER A 22 5.26 -10.01 1.51
CA SER A 22 6.46 -9.83 0.70
C SER A 22 6.21 -10.22 -0.75
N GLY A 23 6.80 -9.45 -1.67
CA GLY A 23 6.63 -9.74 -3.09
C GLY A 23 5.40 -9.05 -3.72
N ALA A 24 4.46 -8.49 -2.94
CA ALA A 24 3.28 -7.94 -3.59
C ALA A 24 3.60 -6.67 -4.38
N GLY A 25 4.67 -5.95 -3.97
CA GLY A 25 5.08 -4.77 -4.73
C GLY A 25 5.03 -3.46 -3.93
N LYS A 26 5.28 -3.53 -2.61
CA LYS A 26 5.21 -2.32 -1.78
C LYS A 26 6.30 -1.34 -2.22
N SER A 27 7.53 -1.87 -2.37
CA SER A 27 8.64 -1.00 -2.71
C SER A 27 8.47 -0.49 -4.15
N SER A 28 7.96 -1.35 -5.03
CA SER A 28 7.79 -0.92 -6.41
C SER A 28 6.78 0.22 -6.51
N ILE A 29 5.68 0.07 -5.79
CA ILE A 29 4.70 1.19 -5.84
C ILE A 29 5.33 2.47 -5.29
N ALA A 30 5.97 2.37 -4.09
CA ALA A 30 6.43 3.62 -3.44
C ALA A 30 7.58 4.24 -4.23
N LEU A 31 8.43 3.42 -4.84
CA LEU A 31 9.53 3.95 -5.66
C LEU A 31 8.98 4.52 -6.97
N ARG A 32 7.96 3.84 -7.54
CA ARG A 32 7.36 4.39 -8.77
C ARG A 32 6.78 5.78 -8.45
N PHE A 33 6.01 5.85 -7.38
CA PHE A 33 5.38 7.12 -7.05
C PHE A 33 6.43 8.19 -6.72
N THR A 34 7.38 7.87 -5.83
CA THR A 34 8.24 8.95 -5.32
C THR A 34 9.40 9.30 -6.23
N ARG A 35 9.92 8.35 -7.03
CA ARG A 35 11.15 8.50 -7.77
C ARG A 35 10.98 8.17 -9.27
N ASN A 36 9.76 7.73 -9.66
CA ASN A 36 9.52 7.18 -10.99
C ASN A 36 10.52 6.09 -11.32
N GLU A 37 10.84 5.21 -10.36
CA GLU A 37 11.81 4.15 -10.59
C GLU A 37 11.09 2.81 -10.39
N PHE A 38 11.23 1.89 -11.36
CA PHE A 38 10.74 0.53 -11.22
C PHE A 38 11.88 -0.43 -11.58
N LEU A 39 12.05 -1.50 -10.81
CA LEU A 39 13.08 -2.50 -11.13
C LEU A 39 12.41 -3.88 -11.23
N ALA A 40 12.64 -4.59 -12.36
CA ALA A 40 12.15 -5.97 -12.51
C ALA A 40 12.76 -6.86 -11.44
N ASN A 41 13.94 -6.48 -10.91
CA ASN A 41 14.60 -7.29 -9.89
C ASN A 41 14.73 -6.60 -8.55
N GLN A 42 13.76 -5.73 -8.21
CA GLN A 42 13.76 -5.00 -6.95
C GLN A 42 14.16 -6.00 -5.83
N GLU A 43 15.16 -5.64 -5.02
CA GLU A 43 15.60 -6.50 -3.92
C GLU A 43 14.61 -6.50 -2.74
N THR A 44 14.38 -7.67 -2.11
CA THR A 44 13.51 -7.73 -0.94
C THR A 44 13.99 -6.73 0.13
N THR A 45 13.04 -6.05 0.81
CA THR A 45 13.40 -4.96 1.73
C THR A 45 13.82 -5.59 3.06
N ILE A 46 14.96 -5.15 3.58
CA ILE A 46 15.45 -5.66 4.85
C ILE A 46 14.98 -4.70 5.95
N GLY A 47 15.45 -3.47 5.89
CA GLY A 47 14.96 -2.54 6.90
C GLY A 47 14.04 -1.58 6.19
N ALA A 48 13.00 -1.16 6.86
CA ALA A 48 12.01 -0.27 6.26
C ALA A 48 12.74 0.93 5.64
N ALA A 49 12.37 1.31 4.42
CA ALA A 49 12.98 2.41 3.67
C ALA A 49 12.11 3.67 3.78
N PHE A 50 12.73 4.86 3.81
CA PHE A 50 11.94 6.08 3.88
C PHE A 50 12.00 6.76 2.53
N LEU A 51 10.84 7.20 2.00
CA LEU A 51 10.70 7.82 0.67
C LEU A 51 9.75 9.00 0.72
N SER A 52 10.05 10.07 -0.05
CA SER A 52 9.34 11.34 0.05
C SER A 52 8.92 11.84 -1.33
N LYS A 53 7.85 12.60 -1.40
CA LYS A 53 7.56 13.36 -2.60
C LYS A 53 6.55 14.46 -2.28
N THR A 54 6.63 15.62 -2.95
CA THR A 54 5.62 16.68 -2.78
C THR A 54 4.59 16.65 -3.93
N VAL A 55 3.30 16.70 -3.60
CA VAL A 55 2.24 16.75 -4.60
C VAL A 55 1.20 17.81 -4.22
N MET A 56 0.63 18.50 -5.22
CA MET A 56 -0.39 19.55 -5.06
C MET A 56 -1.79 18.93 -4.94
N ILE A 57 -2.67 19.55 -4.15
CA ILE A 57 -3.95 18.97 -3.73
C ILE A 57 -5.11 19.56 -4.53
N ASP A 58 -5.56 20.77 -4.17
CA ASP A 58 -6.41 21.54 -5.07
C ASP A 58 -5.87 22.97 -5.12
N GLY A 59 -4.53 23.06 -5.19
CA GLY A 59 -3.82 24.33 -5.12
C GLY A 59 -2.74 24.31 -4.05
N ARG A 60 -3.08 23.77 -2.86
CA ARG A 60 -2.20 23.73 -1.69
C ARG A 60 -1.27 22.51 -1.75
N ALA A 61 0.01 22.72 -1.40
CA ALA A 61 1.08 21.75 -1.56
C ALA A 61 1.04 20.67 -0.48
N LEU A 62 1.70 19.52 -0.76
CA LEU A 62 1.64 18.37 0.14
C LEU A 62 2.87 17.47 0.04
N LYS A 63 3.43 17.13 1.21
CA LYS A 63 4.63 16.30 1.28
C LYS A 63 4.25 14.91 1.81
N TYR A 64 4.47 13.88 1.01
CA TYR A 64 4.28 12.52 1.49
C TYR A 64 5.58 12.05 2.18
N GLU A 65 5.45 11.45 3.35
CA GLU A 65 6.58 10.78 3.98
C GLU A 65 6.18 9.34 4.11
N ILE A 66 6.86 8.49 3.34
CA ILE A 66 6.41 7.09 3.22
C ILE A 66 7.42 6.17 3.86
N TRP A 67 6.93 5.31 4.75
CA TRP A 67 7.77 4.24 5.28
C TRP A 67 7.43 2.92 4.55
N ASP A 68 8.37 2.41 3.76
CA ASP A 68 8.17 1.19 2.97
C ASP A 68 8.67 0.01 3.78
N THR A 69 7.74 -0.70 4.43
CA THR A 69 8.21 -1.75 5.34
C THR A 69 8.63 -3.05 4.61
N ALA A 70 9.50 -3.83 5.27
CA ALA A 70 9.81 -5.20 4.87
C ALA A 70 8.60 -6.11 5.15
N GLY A 71 8.13 -6.88 4.14
CA GLY A 71 6.89 -7.64 4.31
C GLY A 71 7.08 -9.07 4.85
N LEU A 72 8.31 -9.56 4.87
CA LEU A 72 8.57 -10.93 5.31
C LEU A 72 8.08 -11.07 6.75
N GLU A 73 7.54 -12.25 7.09
CA GLU A 73 6.92 -12.43 8.40
C GLU A 73 7.95 -12.27 9.50
N ARG A 74 9.23 -12.54 9.20
CA ARG A 74 10.28 -12.41 10.22
C ARG A 74 10.47 -10.95 10.63
N PHE A 75 9.99 -10.00 9.82
CA PHE A 75 10.14 -8.58 10.18
C PHE A 75 8.81 -7.98 10.66
N ARG A 76 7.78 -8.82 10.82
CA ARG A 76 6.46 -8.36 11.26
C ARG A 76 6.53 -7.57 12.58
N SER A 77 7.32 -8.03 13.59
CA SER A 77 7.30 -7.37 14.88
C SER A 77 7.88 -5.95 14.79
N LEU A 78 8.61 -5.61 13.72
CA LEU A 78 9.09 -4.24 13.57
C LEU A 78 8.02 -3.28 13.06
N ALA A 79 6.91 -3.82 12.48
CA ALA A 79 5.99 -2.96 11.71
C ALA A 79 5.43 -1.83 12.58
N PRO A 80 5.07 -2.00 13.90
CA PRO A 80 4.54 -0.88 14.71
C PRO A 80 5.45 0.36 14.85
N ILE A 81 6.76 0.15 14.75
CA ILE A 81 7.62 1.33 14.79
C ILE A 81 7.22 2.28 13.65
N TYR A 82 6.79 1.69 12.52
CA TYR A 82 6.49 2.49 11.33
C TYR A 82 5.03 2.88 11.24
N TYR A 83 4.13 2.10 11.84
CA TYR A 83 2.72 2.45 11.77
C TYR A 83 2.25 3.36 12.91
N ARG A 84 2.98 3.38 14.05
CA ARG A 84 2.56 4.24 15.18
C ARG A 84 2.28 5.69 14.79
N GLY A 85 3.18 6.43 14.14
CA GLY A 85 2.66 7.78 13.91
C GLY A 85 1.95 8.03 12.57
N ALA A 86 1.49 6.96 11.92
CA ALA A 86 1.06 7.12 10.54
C ALA A 86 -0.31 7.79 10.49
N SER A 87 -0.51 8.62 9.44
CA SER A 87 -1.82 9.16 9.07
C SER A 87 -2.61 8.19 8.18
N GLY A 88 -1.86 7.42 7.37
CA GLY A 88 -2.49 6.54 6.41
C GLY A 88 -1.66 5.28 6.24
N ALA A 89 -2.34 4.20 5.77
CA ALA A 89 -1.63 2.99 5.40
C ALA A 89 -2.11 2.56 4.02
N LEU A 90 -1.18 2.14 3.17
CA LEU A 90 -1.50 1.40 1.96
C LEU A 90 -1.22 -0.06 2.20
N VAL A 91 -2.28 -0.90 2.18
CA VAL A 91 -2.08 -2.31 2.42
C VAL A 91 -2.16 -2.93 1.04
N VAL A 92 -1.04 -3.52 0.61
CA VAL A 92 -0.84 -3.98 -0.76
C VAL A 92 -1.00 -5.49 -0.82
N TYR A 93 -1.71 -5.94 -1.84
CA TYR A 93 -1.66 -7.34 -2.21
C TYR A 93 -1.40 -7.47 -3.70
N ASP A 94 -1.20 -8.72 -4.11
CA ASP A 94 -0.87 -9.03 -5.51
C ASP A 94 -2.09 -9.73 -6.13
N ILE A 95 -2.67 -9.11 -7.18
CA ILE A 95 -3.89 -9.64 -7.77
CA ILE A 95 -3.84 -9.58 -7.90
C ILE A 95 -3.66 -11.04 -8.36
N THR A 96 -2.40 -11.40 -8.61
CA THR A 96 -2.08 -12.72 -9.17
C THR A 96 -1.90 -13.83 -8.12
N ASN A 97 -2.03 -13.48 -6.83
CA ASN A 97 -1.70 -14.47 -5.77
C ASN A 97 -2.79 -14.33 -4.69
N SER A 98 -3.81 -15.21 -4.72
CA SER A 98 -4.99 -15.17 -3.86
CA SER A 98 -4.99 -15.10 -3.87
C SER A 98 -4.61 -15.07 -2.39
N GLU A 99 -3.49 -15.75 -2.03
CA GLU A 99 -3.07 -15.85 -0.61
C GLU A 99 -2.74 -14.45 -0.06
N SER A 100 -2.25 -13.54 -0.94
CA SER A 100 -1.80 -12.23 -0.53
C SER A 100 -2.99 -11.42 -0.09
N LEU A 101 -4.19 -11.70 -0.64
CA LEU A 101 -5.36 -10.95 -0.18
C LEU A 101 -5.71 -11.30 1.28
N LYS A 102 -5.55 -12.59 1.63
CA LYS A 102 -5.80 -12.91 3.03
C LYS A 102 -4.76 -12.31 3.93
N LYS A 103 -3.49 -12.26 3.49
CA LYS A 103 -2.50 -11.52 4.25
C LYS A 103 -2.89 -10.05 4.45
N ALA A 104 -3.45 -9.43 3.42
CA ALA A 104 -3.87 -8.03 3.51
C ALA A 104 -4.97 -7.92 4.57
N GLN A 105 -5.89 -8.89 4.58
CA GLN A 105 -6.95 -8.82 5.61
C GLN A 105 -6.38 -8.88 7.02
N THR A 106 -5.33 -9.70 7.23
CA THR A 106 -4.70 -9.78 8.54
CA THR A 106 -4.63 -9.80 8.52
C THR A 106 -4.06 -8.44 8.94
N TRP A 107 -3.44 -7.74 7.99
CA TRP A 107 -2.84 -6.44 8.29
C TRP A 107 -3.91 -5.43 8.67
N ILE A 108 -5.02 -5.42 7.91
CA ILE A 108 -6.10 -4.49 8.21
C ILE A 108 -6.62 -4.73 9.65
N LYS A 109 -6.84 -6.01 9.99
CA LYS A 109 -7.31 -6.31 11.35
C LYS A 109 -6.30 -5.84 12.38
N GLU A 110 -4.98 -6.11 12.12
CA GLU A 110 -3.91 -5.73 13.05
C GLU A 110 -3.94 -4.22 13.22
N LEU A 111 -4.11 -3.47 12.12
CA LEU A 111 -4.13 -2.02 12.25
C LEU A 111 -5.35 -1.55 13.07
N ARG A 112 -6.50 -2.14 12.78
CA ARG A 112 -7.65 -1.74 13.58
C ARG A 112 -7.45 -2.05 15.08
N ALA A 113 -6.78 -3.16 15.37
CA ALA A 113 -6.60 -3.46 16.79
C ALA A 113 -5.54 -2.56 17.43
N ASN A 114 -4.45 -2.22 16.70
CA ASN A 114 -3.25 -1.72 17.37
C ASN A 114 -2.86 -0.30 17.05
N ALA A 115 -3.40 0.23 15.95
CA ALA A 115 -2.97 1.55 15.49
C ALA A 115 -4.02 2.57 15.89
N ASP A 116 -3.69 3.84 15.64
CA ASP A 116 -4.64 4.91 15.93
C ASP A 116 -5.96 4.74 15.16
N PRO A 117 -7.12 4.91 15.83
CA PRO A 117 -8.40 4.67 15.17
C PRO A 117 -8.71 5.66 14.04
N SER A 118 -7.98 6.77 13.98
CA SER A 118 -8.16 7.75 12.93
C SER A 118 -7.36 7.33 11.68
N LEU A 119 -6.55 6.28 11.80
CA LEU A 119 -5.72 5.90 10.62
C LEU A 119 -6.58 5.59 9.38
N ILE A 120 -6.25 6.16 8.21
CA ILE A 120 -6.98 5.96 6.93
C ILE A 120 -6.30 4.78 6.22
N ILE A 121 -7.07 3.76 5.80
CA ILE A 121 -6.41 2.61 5.18
C ILE A 121 -6.92 2.49 3.75
N VAL A 122 -6.01 2.33 2.78
CA VAL A 122 -6.42 2.08 1.40
C VAL A 122 -5.90 0.70 1.02
N LEU A 123 -6.77 -0.12 0.37
CA LEU A 123 -6.33 -1.42 -0.08
C LEU A 123 -5.93 -1.28 -1.57
N VAL A 124 -4.75 -1.85 -1.97
CA VAL A 124 -4.29 -1.77 -3.34
C VAL A 124 -3.92 -3.16 -3.82
N GLY A 125 -4.58 -3.60 -4.93
CA GLY A 125 -4.23 -4.84 -5.57
C GLY A 125 -3.24 -4.51 -6.68
N ASN A 126 -2.03 -5.01 -6.57
CA ASN A 126 -0.98 -4.59 -7.52
C ASN A 126 -0.73 -5.71 -8.53
N LYS A 127 0.04 -5.35 -9.57
CA LYS A 127 0.39 -6.23 -10.70
C LYS A 127 -0.77 -6.49 -11.64
N LYS A 128 -1.61 -5.48 -11.86
CA LYS A 128 -2.75 -5.61 -12.74
C LYS A 128 -2.26 -5.92 -14.17
N ASP A 129 -1.00 -5.59 -14.49
CA ASP A 129 -0.48 -5.77 -15.84
C ASP A 129 -0.34 -7.27 -16.20
N LEU A 130 -0.35 -8.13 -15.19
CA LEU A 130 -0.16 -9.57 -15.41
C LEU A 130 -1.52 -10.20 -15.70
N GLY A 131 -2.32 -9.55 -16.53
CA GLY A 131 -3.42 -10.15 -17.28
C GLY A 131 -3.98 -11.49 -16.82
N SER A 132 -3.62 -12.53 -17.56
CA SER A 132 -4.24 -13.85 -17.37
C SER A 132 -3.91 -14.41 -16.03
N LEU A 133 -2.78 -13.94 -15.44
CA LEU A 133 -2.39 -14.62 -14.19
C LEU A 133 -3.19 -14.12 -12.98
N ARG A 134 -4.11 -13.14 -13.18
CA ARG A 134 -4.99 -12.67 -12.11
C ARG A 134 -5.64 -13.87 -11.38
N GLN A 135 -5.64 -13.82 -10.02
CA GLN A 135 -6.38 -14.79 -9.24
C GLN A 135 -7.42 -14.13 -8.34
N VAL A 136 -7.25 -12.81 -8.10
CA VAL A 136 -8.21 -12.09 -7.27
C VAL A 136 -9.02 -11.20 -8.21
N SER A 137 -10.34 -11.42 -8.21
CA SER A 137 -11.17 -10.46 -8.95
C SER A 137 -11.20 -9.06 -8.34
N PHE A 138 -11.55 -8.09 -9.20
CA PHE A 138 -11.84 -6.76 -8.68
C PHE A 138 -12.94 -6.87 -7.62
N GLU A 139 -13.99 -7.67 -7.95
CA GLU A 139 -15.08 -7.86 -7.02
C GLU A 139 -14.60 -8.39 -5.66
N ASP A 140 -13.69 -9.38 -5.68
CA ASP A 140 -13.27 -10.01 -4.43
C ASP A 140 -12.41 -9.05 -3.59
N GLY A 141 -11.54 -8.26 -4.26
CA GLY A 141 -10.68 -7.32 -3.53
C GLY A 141 -11.60 -6.27 -2.91
N GLN A 142 -12.58 -5.78 -3.70
CA GLN A 142 -13.40 -4.71 -3.17
C GLN A 142 -14.30 -5.24 -2.04
N ARG A 143 -14.74 -6.50 -2.11
CA ARG A 143 -15.55 -7.07 -1.03
C ARG A 143 -14.81 -6.93 0.30
N LEU A 144 -13.48 -7.14 0.27
CA LEU A 144 -12.71 -6.94 1.50
C LEU A 144 -12.72 -5.48 1.95
N ALA A 145 -12.43 -4.56 0.99
CA ALA A 145 -12.43 -3.12 1.31
C ALA A 145 -13.80 -2.64 1.81
N ALA A 146 -14.89 -3.19 1.28
CA ALA A 146 -16.21 -2.74 1.73
C ALA A 146 -16.52 -3.32 3.10
N GLU A 147 -16.28 -4.63 3.28
CA GLU A 147 -16.48 -5.33 4.55
C GLU A 147 -15.72 -4.61 5.68
N GLU A 148 -14.48 -4.18 5.39
CA GLU A 148 -13.63 -3.53 6.40
C GLU A 148 -13.80 -2.00 6.49
N GLN A 149 -14.72 -1.42 5.72
CA GLN A 149 -15.01 0.00 5.65
C GLN A 149 -13.74 0.81 5.47
N LEU A 150 -12.93 0.40 4.48
CA LEU A 150 -11.69 1.12 4.20
C LEU A 150 -11.98 2.42 3.44
N ALA A 151 -10.92 3.24 3.32
CA ALA A 151 -11.03 4.56 2.74
C ALA A 151 -11.07 4.47 1.22
N ALA A 152 -10.45 3.42 0.59
CA ALA A 152 -10.43 3.36 -0.88
C ALA A 152 -9.93 1.99 -1.28
N PHE A 153 -10.23 1.63 -2.53
CA PHE A 153 -9.80 0.35 -3.10
C PHE A 153 -9.39 0.59 -4.53
N TYR A 154 -8.13 0.26 -4.89
CA TYR A 154 -7.71 0.38 -6.26
C TYR A 154 -6.94 -0.85 -6.69
N GLU A 155 -7.02 -1.15 -8.01
CA GLU A 155 -6.04 -2.06 -8.60
C GLU A 155 -5.03 -1.17 -9.32
N ALA A 156 -3.78 -1.60 -9.31
CA ALA A 156 -2.76 -0.75 -9.90
C ALA A 156 -1.65 -1.65 -10.48
N SER A 157 -0.68 -0.97 -11.17
CA SER A 157 0.51 -1.64 -11.69
C SER A 157 1.67 -0.66 -11.50
N ALA A 158 2.55 -0.99 -10.53
CA ALA A 158 3.83 -0.27 -10.44
C ALA A 158 4.64 -0.38 -11.72
N LYS A 159 4.52 -1.53 -12.37
CA LYS A 159 5.38 -1.73 -13.53
C LYS A 159 4.91 -0.78 -14.65
N ASP A 160 3.60 -0.74 -14.90
CA ASP A 160 3.07 0.08 -16.00
C ASP A 160 2.80 1.52 -15.54
N ASN A 161 3.06 1.85 -14.29
CA ASN A 161 2.65 3.11 -13.68
C ASN A 161 1.16 3.43 -13.90
N ASN A 162 0.29 2.47 -13.54
CA ASN A 162 -1.13 2.60 -13.79
C ASN A 162 -1.76 2.71 -12.42
N ASN A 163 -2.43 3.84 -12.18
CA ASN A 163 -3.22 4.11 -10.97
C ASN A 163 -2.37 4.31 -9.73
N VAL A 164 -1.02 4.41 -9.87
CA VAL A 164 -0.20 4.61 -8.66
C VAL A 164 -0.40 6.07 -8.17
N GLU A 165 -0.30 7.01 -9.13
CA GLU A 165 -0.52 8.40 -8.72
C GLU A 165 -1.94 8.53 -8.11
N GLN A 166 -2.94 7.87 -8.70
CA GLN A 166 -4.34 8.08 -8.29
C GLN A 166 -4.58 7.58 -6.86
N VAL A 167 -3.94 6.44 -6.51
CA VAL A 167 -4.08 5.90 -5.15
C VAL A 167 -3.55 6.96 -4.16
N PHE A 168 -2.34 7.46 -4.42
CA PHE A 168 -1.82 8.44 -3.45
C PHE A 168 -2.61 9.73 -3.36
N LEU A 169 -3.14 10.18 -4.49
CA LEU A 169 -3.89 11.43 -4.50
C LEU A 169 -5.21 11.24 -3.78
N ASP A 170 -5.82 10.06 -3.98
CA ASP A 170 -7.07 9.77 -3.29
C ASP A 170 -6.80 9.76 -1.79
N LEU A 171 -5.76 9.01 -1.38
CA LEU A 171 -5.49 8.88 0.03
C LEU A 171 -5.27 10.27 0.64
N ALA A 172 -4.55 11.14 -0.09
CA ALA A 172 -4.18 12.46 0.41
C ALA A 172 -5.41 13.27 0.71
N ALA A 173 -6.37 13.21 -0.20
CA ALA A 173 -7.62 13.96 -0.02
C ALA A 173 -8.44 13.47 1.18
N LYS A 174 -8.17 12.24 1.70
CA LYS A 174 -8.89 11.71 2.84
C LYS A 174 -8.19 11.97 4.19
N LEU A 175 -7.02 12.58 4.15
CA LEU A 175 -6.28 12.70 5.41
C LEU A 175 -6.78 13.96 6.14
#